data_4LGW
#
_entry.id   4LGW
#
_cell.length_a   130.474
_cell.length_b   130.474
_cell.length_c   125.234
_cell.angle_alpha   90.00
_cell.angle_beta   90.00
_cell.angle_gamma   120.00
#
_symmetry.space_group_name_H-M   'P 65 2 2'
#
loop_
_entity.id
_entity.type
_entity.pdbx_description
1 polymer 'Regulatory protein SdiA'
2 non-polymer GLYCEROL
3 water water
#
_entity_poly.entity_id   1
_entity_poly.type   'polypeptide(L)'
_entity_poly.pdbx_seq_one_letter_code
;MQDKDFFSWRRTMLLRFQRMETAEEVYHEIELQAQQLEYDYYSLCVRHPVPFTRPKVAFYTNYPEAWVSYYQAKNFLAID
PVLNPENFSQGHLMWNDDLFSEAQPLWEAARAHGLRRGVTQYLMLPNRALGFLSFSRCSAREIPILSDELQLKMQLLVRE
SLMALMRLNDEIVMTPEMNFSKREKEILRWTAEGKTSAEIAMILSISENTVNFHQKNMQKKINAPNKTQVACYAAATGLI
LEHHHHHH
;
_entity_poly.pdbx_strand_id   A
#
loop_
_chem_comp.id
_chem_comp.type
_chem_comp.name
_chem_comp.formula
GOL non-polymer GLYCEROL 'C3 H8 O3'
#
# COMPACT_ATOMS: atom_id res chain seq x y z
N ASP A 5 22.25 -16.09 -12.11
CA ASP A 5 21.37 -16.97 -11.27
C ASP A 5 20.43 -16.17 -10.33
N PHE A 6 19.13 -16.45 -10.43
CA PHE A 6 18.11 -15.76 -9.65
C PHE A 6 18.36 -15.79 -8.14
N PHE A 7 18.79 -16.95 -7.63
CA PHE A 7 18.90 -17.13 -6.17
C PHE A 7 19.84 -16.13 -5.47
N SER A 8 20.99 -15.83 -6.07
CA SER A 8 21.95 -14.91 -5.45
C SER A 8 21.52 -13.45 -5.59
N TRP A 9 20.81 -13.16 -6.69
CA TRP A 9 20.16 -11.87 -6.85
C TRP A 9 19.27 -11.63 -5.63
N ARG A 10 18.31 -12.53 -5.47
CA ARG A 10 17.39 -12.58 -4.34
C ARG A 10 18.12 -12.33 -3.03
N ARG A 11 19.15 -13.13 -2.75
CA ARG A 11 19.88 -13.01 -1.51
C ARG A 11 20.59 -11.65 -1.35
N THR A 12 21.18 -11.15 -2.45
CA THR A 12 21.79 -9.82 -2.43
C THR A 12 20.72 -8.78 -2.10
N MET A 13 19.61 -8.85 -2.83
CA MET A 13 18.53 -7.90 -2.65
C MET A 13 17.87 -7.93 -1.25
N LEU A 14 17.69 -9.13 -0.69
CA LEU A 14 17.17 -9.25 0.68
C LEU A 14 18.01 -8.45 1.67
N LEU A 15 19.33 -8.63 1.61
CA LEU A 15 20.23 -7.96 2.55
C LEU A 15 20.29 -6.47 2.33
N ARG A 16 20.35 -6.08 1.06
CA ARG A 16 20.45 -4.67 0.72
C ARG A 16 19.27 -3.89 1.29
N PHE A 17 18.07 -4.43 1.14
CA PHE A 17 16.88 -3.79 1.67
C PHE A 17 16.81 -3.88 3.18
N GLN A 18 17.36 -4.96 3.73
CA GLN A 18 17.49 -5.11 5.17
C GLN A 18 18.24 -3.92 5.79
N ARG A 19 19.42 -3.62 5.22
CA ARG A 19 20.36 -2.65 5.81
C ARG A 19 19.94 -1.21 5.76
N MET A 20 18.90 -0.87 5.00
CA MET A 20 18.66 0.54 4.70
C MET A 20 18.17 1.36 5.89
N GLU A 21 18.52 2.63 5.93
CA GLU A 21 18.21 3.50 7.07
C GLU A 21 17.28 4.64 6.73
N THR A 22 17.08 4.93 5.46
CA THR A 22 16.12 5.97 5.05
C THR A 22 15.18 5.54 3.93
N ALA A 23 14.07 6.24 3.85
CA ALA A 23 13.14 6.12 2.74
C ALA A 23 13.87 6.40 1.41
N GLU A 24 14.65 7.49 1.40
CA GLU A 24 15.40 7.98 0.23
C GLU A 24 16.36 6.91 -0.30
N GLU A 25 16.90 6.06 0.57
CA GLU A 25 17.69 4.92 0.13
C GLU A 25 16.88 3.87 -0.58
N VAL A 26 15.65 3.67 -0.07
CA VAL A 26 14.75 2.67 -0.61
C VAL A 26 14.38 3.13 -2.00
N TYR A 27 13.83 4.35 -2.09
CA TYR A 27 13.46 4.90 -3.38
C TYR A 27 14.62 4.84 -4.37
N HIS A 28 15.81 5.28 -3.93
CA HIS A 28 16.99 5.29 -4.80
C HIS A 28 17.33 3.88 -5.29
N GLU A 29 17.17 2.87 -4.45
CA GLU A 29 17.42 1.49 -4.90
C GLU A 29 16.38 0.97 -5.90
N ILE A 30 15.12 1.32 -5.69
CA ILE A 30 14.07 0.97 -6.64
C ILE A 30 14.44 1.56 -8.00
N GLU A 31 14.76 2.85 -8.01
CA GLU A 31 15.16 3.53 -9.22
C GLU A 31 16.31 2.80 -9.94
N LEU A 32 17.35 2.45 -9.19
CA LEU A 32 18.44 1.65 -9.69
C LEU A 32 17.91 0.38 -10.34
N GLN A 33 17.08 -0.36 -9.60
CA GLN A 33 16.56 -1.64 -10.09
C GLN A 33 15.74 -1.50 -11.36
N ALA A 34 14.97 -0.42 -11.44
CA ALA A 34 14.18 -0.12 -12.61
C ALA A 34 15.13 0.02 -13.80
N GLN A 35 16.24 0.73 -13.58
CA GLN A 35 17.23 0.94 -14.62
C GLN A 35 17.93 -0.32 -15.07
N GLN A 36 18.23 -1.24 -14.16
CA GLN A 36 18.83 -2.53 -14.55
C GLN A 36 17.91 -3.25 -15.50
N LEU A 37 16.61 -3.02 -15.34
CA LEU A 37 15.63 -3.70 -16.17
C LEU A 37 15.19 -2.82 -17.34
N GLU A 38 16.00 -1.80 -17.59
CA GLU A 38 15.82 -0.87 -18.72
C GLU A 38 14.47 -0.18 -18.69
N TYR A 39 14.03 0.21 -17.49
CA TYR A 39 12.91 1.10 -17.35
C TYR A 39 13.47 2.39 -16.87
N ASP A 40 12.80 3.48 -17.21
CA ASP A 40 13.23 4.80 -16.82
C ASP A 40 12.58 5.25 -15.52
N TYR A 41 11.34 4.83 -15.32
CA TYR A 41 10.53 5.35 -14.24
C TYR A 41 10.03 4.27 -13.33
N TYR A 42 9.95 4.60 -12.04
CA TYR A 42 9.26 3.73 -11.09
C TYR A 42 8.19 4.57 -10.37
N SER A 43 7.19 3.87 -9.85
CA SER A 43 6.18 4.48 -9.01
C SER A 43 5.86 3.50 -7.92
N LEU A 44 5.86 3.99 -6.70
CA LEU A 44 5.47 3.20 -5.54
C LEU A 44 4.24 3.85 -4.98
N CYS A 45 3.11 3.22 -5.22
CA CYS A 45 1.83 3.77 -4.82
C CYS A 45 1.14 2.81 -3.84
N VAL A 46 0.61 3.36 -2.76
CA VAL A 46 0.03 2.55 -1.69
C VAL A 46 -1.40 2.99 -1.38
N ARG A 47 -2.36 2.09 -1.55
CA ARG A 47 -3.76 2.40 -1.23
C ARG A 47 -4.08 1.88 0.14
N HIS A 48 -4.41 2.76 1.06
CA HIS A 48 -4.68 2.37 2.43
C HIS A 48 -6.08 1.76 2.57
N PRO A 49 -6.30 0.90 3.58
CA PRO A 49 -7.65 0.41 3.81
C PRO A 49 -8.55 1.48 4.45
N VAL A 50 -7.96 2.51 5.06
CA VAL A 50 -8.74 3.58 5.67
C VAL A 50 -8.24 4.95 5.27
N PRO A 51 -9.10 5.99 5.35
CA PRO A 51 -10.55 6.00 5.65
C PRO A 51 -11.34 5.13 4.68
N PHE A 52 -12.40 4.49 5.17
CA PHE A 52 -13.18 3.55 4.36
C PHE A 52 -13.84 4.24 3.18
N THR A 53 -13.99 5.55 3.34
CA THR A 53 -14.95 6.30 2.59
C THR A 53 -14.18 7.08 1.54
N ARG A 54 -12.89 7.30 1.83
CA ARG A 54 -11.93 7.85 0.88
C ARG A 54 -10.55 7.37 1.32
N PRO A 55 -10.14 6.21 0.83
CA PRO A 55 -8.91 5.57 1.30
C PRO A 55 -7.72 6.45 0.98
N LYS A 56 -6.80 6.59 1.93
CA LYS A 56 -5.56 7.32 1.73
C LYS A 56 -4.74 6.70 0.59
N VAL A 57 -4.21 7.55 -0.29
CA VAL A 57 -3.32 7.12 -1.37
C VAL A 57 -2.06 7.96 -1.28
N ALA A 58 -0.93 7.28 -1.14
CA ALA A 58 0.31 7.93 -0.94
C ALA A 58 1.26 7.26 -1.90
N PHE A 59 2.22 8.02 -2.42
CA PHE A 59 3.11 7.48 -3.41
C PHE A 59 4.46 8.12 -3.31
N TYR A 60 5.47 7.42 -3.76
CA TYR A 60 6.66 8.10 -4.18
C TYR A 60 7.08 7.59 -5.56
N THR A 61 7.41 8.53 -6.44
CA THR A 61 7.69 8.25 -7.84
C THR A 61 8.74 9.22 -8.36
N ASN A 62 9.41 8.83 -9.45
CA ASN A 62 10.22 9.79 -10.18
C ASN A 62 9.63 10.10 -11.55
N TYR A 63 8.33 9.89 -11.70
CA TYR A 63 7.64 10.28 -12.92
C TYR A 63 7.90 11.75 -13.16
N PRO A 64 7.85 12.18 -14.44
CA PRO A 64 7.94 13.61 -14.68
C PRO A 64 6.95 14.32 -13.76
N GLU A 65 7.42 15.33 -13.07
CA GLU A 65 6.59 16.05 -12.12
C GLU A 65 5.32 16.63 -12.77
N ALA A 66 5.44 17.08 -14.01
CA ALA A 66 4.27 17.54 -14.78
C ALA A 66 3.23 16.45 -14.95
N TRP A 67 3.66 15.20 -15.17
CA TRP A 67 2.73 14.06 -15.22
C TRP A 67 2.04 13.81 -13.89
N VAL A 68 2.76 13.91 -12.79
CA VAL A 68 2.09 13.77 -11.51
C VAL A 68 0.96 14.80 -11.34
N SER A 69 1.25 16.08 -11.65
CA SER A 69 0.24 17.15 -11.53
C SER A 69 -0.94 16.95 -12.47
N TYR A 70 -0.68 16.54 -13.69
CA TYR A 70 -1.75 16.38 -14.64
C TYR A 70 -2.65 15.21 -14.23
N TYR A 71 -2.03 14.08 -13.90
CA TYR A 71 -2.72 12.88 -13.43
C TYR A 71 -3.67 13.18 -12.26
N GLN A 72 -3.18 13.95 -11.30
CA GLN A 72 -4.02 14.35 -10.19
C GLN A 72 -5.11 15.31 -10.63
N ALA A 73 -4.76 16.35 -11.36
CA ALA A 73 -5.74 17.31 -11.83
C ALA A 73 -6.91 16.62 -12.48
N LYS A 74 -6.67 15.65 -13.35
CA LYS A 74 -7.78 14.98 -14.05
C LYS A 74 -8.39 13.84 -13.23
N ASN A 75 -7.93 13.71 -11.99
CA ASN A 75 -8.28 12.60 -11.12
C ASN A 75 -8.31 11.22 -11.79
N PHE A 76 -7.18 10.86 -12.41
CA PHE A 76 -7.03 9.59 -13.10
C PHE A 76 -7.02 8.39 -12.15
N LEU A 77 -6.74 8.67 -10.88
CA LEU A 77 -6.68 7.62 -9.86
C LEU A 77 -7.92 6.72 -9.96
N ALA A 78 -9.09 7.35 -10.03
CA ALA A 78 -10.37 6.64 -10.13
C ALA A 78 -10.48 5.67 -11.31
N ILE A 79 -9.75 5.88 -12.39
CA ILE A 79 -9.92 5.03 -13.55
C ILE A 79 -8.67 4.21 -13.89
N ASP A 80 -7.64 4.34 -13.06
CA ASP A 80 -6.34 3.71 -13.33
C ASP A 80 -6.35 2.19 -13.25
N PRO A 81 -6.33 1.52 -14.40
CA PRO A 81 -6.49 0.07 -14.38
C PRO A 81 -5.29 -0.61 -13.72
N VAL A 82 -4.20 0.12 -13.64
CA VAL A 82 -2.92 -0.45 -13.24
C VAL A 82 -2.84 -0.53 -11.72
N LEU A 83 -3.79 0.13 -11.09
CA LEU A 83 -3.93 0.18 -9.64
C LEU A 83 -5.15 -0.59 -9.13
N ASN A 84 -5.73 -1.43 -9.97
CA ASN A 84 -6.90 -2.23 -9.61
C ASN A 84 -6.53 -3.72 -9.58
N PRO A 85 -6.42 -4.28 -8.37
CA PRO A 85 -5.97 -5.66 -8.22
C PRO A 85 -6.72 -6.69 -9.11
N GLU A 86 -8.01 -6.47 -9.37
CA GLU A 86 -8.78 -7.33 -10.29
C GLU A 86 -8.10 -7.60 -11.63
N ASN A 87 -7.21 -6.71 -12.08
CA ASN A 87 -6.54 -6.88 -13.38
C ASN A 87 -5.29 -7.75 -13.38
N PHE A 88 -4.88 -8.16 -12.19
CA PHE A 88 -3.57 -8.82 -12.00
C PHE A 88 -3.62 -10.34 -12.09
N SER A 89 -2.52 -10.96 -12.46
CA SER A 89 -2.37 -12.42 -12.33
C SER A 89 -1.11 -12.64 -11.57
N GLN A 90 -1.20 -13.34 -10.45
CA GLN A 90 0.01 -13.68 -9.74
C GLN A 90 0.66 -12.39 -9.16
N GLY A 91 -0.12 -11.33 -9.01
CA GLY A 91 0.37 -10.04 -8.52
C GLY A 91 1.14 -9.24 -9.56
N HIS A 92 1.01 -9.67 -10.82
CA HIS A 92 1.71 -9.07 -11.94
C HIS A 92 0.72 -8.54 -12.98
N LEU A 93 1.11 -7.43 -13.61
CA LEU A 93 0.30 -6.82 -14.66
C LEU A 93 1.18 -6.06 -15.65
N MET A 94 1.25 -6.61 -16.86
CA MET A 94 1.99 -6.03 -17.97
C MET A 94 1.09 -5.02 -18.67
N TRP A 95 1.48 -3.76 -18.80
CA TRP A 95 0.63 -2.77 -19.50
C TRP A 95 0.51 -3.11 -20.99
N ASN A 96 -0.67 -2.89 -21.55
CA ASN A 96 -0.89 -3.00 -22.99
C ASN A 96 -2.12 -2.18 -23.31
N ASP A 97 -2.55 -2.20 -24.57
CA ASP A 97 -3.63 -1.30 -24.98
C ASP A 97 -5.03 -1.65 -24.48
N ASP A 98 -5.40 -2.93 -24.51
CA ASP A 98 -6.75 -3.35 -24.06
C ASP A 98 -7.05 -2.96 -22.63
N LEU A 99 -6.03 -3.07 -21.79
CA LEU A 99 -6.08 -2.71 -20.37
C LEU A 99 -6.72 -1.34 -20.16
N PHE A 100 -6.48 -0.43 -21.10
CA PHE A 100 -6.89 0.94 -20.91
C PHE A 100 -8.24 1.32 -21.51
N SER A 101 -8.91 0.34 -22.14
CA SER A 101 -10.18 0.58 -22.87
C SER A 101 -11.23 1.33 -22.04
N GLU A 102 -11.36 0.94 -20.77
CA GLU A 102 -12.22 1.65 -19.84
C GLU A 102 -11.60 2.97 -19.36
N ALA A 103 -10.41 3.32 -19.85
CA ALA A 103 -9.73 4.56 -19.41
C ALA A 103 -8.92 5.29 -20.51
N GLN A 104 -9.58 5.63 -21.64
CA GLN A 104 -8.84 6.18 -22.79
C GLN A 104 -8.22 7.60 -22.59
N PRO A 105 -8.86 8.50 -21.81
CA PRO A 105 -8.13 9.74 -21.53
C PRO A 105 -6.79 9.54 -20.80
N LEU A 106 -6.72 8.54 -19.92
CA LEU A 106 -5.51 8.26 -19.17
C LEU A 106 -4.42 7.78 -20.12
N TRP A 107 -4.80 6.85 -20.99
CA TRP A 107 -3.87 6.21 -21.92
C TRP A 107 -3.21 7.28 -22.78
N GLU A 108 -4.02 8.12 -23.42
CA GLU A 108 -3.51 9.22 -24.24
C GLU A 108 -2.59 10.12 -23.46
N ALA A 109 -3.06 10.58 -22.31
CA ALA A 109 -2.32 11.53 -21.52
C ALA A 109 -0.99 10.94 -21.05
N ALA A 110 -1.00 9.67 -20.65
CA ALA A 110 0.21 8.97 -20.26
C ALA A 110 1.26 8.94 -21.37
N ARG A 111 0.82 8.63 -22.60
CA ARG A 111 1.71 8.62 -23.79
C ARG A 111 2.21 10.02 -24.10
N ALA A 112 1.33 11.00 -23.92
CA ALA A 112 1.66 12.39 -24.21
C ALA A 112 2.74 12.93 -23.27
N HIS A 113 2.90 12.29 -22.11
CA HIS A 113 3.96 12.67 -21.20
C HIS A 113 5.10 11.69 -21.30
N GLY A 114 5.00 10.79 -22.28
CA GLY A 114 6.10 9.89 -22.59
C GLY A 114 6.21 8.60 -21.80
N LEU A 115 5.11 8.17 -21.16
CA LEU A 115 5.07 6.83 -20.56
C LEU A 115 4.55 5.88 -21.62
N ARG A 116 5.45 5.23 -22.36
CA ARG A 116 5.04 4.39 -23.49
C ARG A 116 4.79 2.94 -23.14
N ARG A 117 5.67 2.36 -22.32
CA ARG A 117 5.54 0.97 -21.93
C ARG A 117 5.64 0.93 -20.43
N GLY A 118 5.05 -0.12 -19.86
CA GLY A 118 5.03 -0.19 -18.42
C GLY A 118 4.57 -1.52 -17.91
N VAL A 119 4.64 -1.62 -16.59
CA VAL A 119 4.43 -2.85 -15.88
C VAL A 119 4.27 -2.53 -14.40
N THR A 120 3.32 -3.21 -13.76
CA THR A 120 3.20 -3.06 -12.31
C THR A 120 3.03 -4.36 -11.54
N GLN A 121 3.43 -4.32 -10.27
CA GLN A 121 3.35 -5.49 -9.40
C GLN A 121 2.76 -5.10 -8.08
N TYR A 122 1.82 -5.87 -7.59
CA TYR A 122 1.23 -5.46 -6.34
C TYR A 122 1.30 -6.51 -5.26
N LEU A 123 0.98 -6.07 -4.05
CA LEU A 123 1.13 -6.84 -2.84
C LEU A 123 0.19 -6.24 -1.80
N MET A 124 -0.52 -7.08 -1.04
CA MET A 124 -1.24 -6.57 0.14
C MET A 124 -0.29 -6.71 1.30
N LEU A 125 -0.12 -5.64 2.07
CA LEU A 125 0.81 -5.59 3.21
C LEU A 125 0.22 -6.09 4.54
N PRO A 126 1.09 -6.38 5.53
CA PRO A 126 0.51 -6.90 6.77
C PRO A 126 -0.55 -5.98 7.36
N ASN A 127 -0.60 -4.70 6.99
CA ASN A 127 -1.60 -3.80 7.56
C ASN A 127 -2.80 -3.63 6.65
N ARG A 128 -2.91 -4.50 5.64
CA ARG A 128 -3.97 -4.46 4.60
C ARG A 128 -3.91 -3.34 3.58
N ALA A 129 -2.81 -2.60 3.56
CA ALA A 129 -2.65 -1.59 2.52
C ALA A 129 -2.23 -2.32 1.27
N LEU A 130 -2.69 -1.86 0.13
CA LEU A 130 -2.21 -2.41 -1.13
C LEU A 130 -1.06 -1.58 -1.67
N GLY A 131 0.06 -2.23 -1.91
CA GLY A 131 1.21 -1.58 -2.52
C GLY A 131 1.40 -1.96 -3.97
N PHE A 132 1.56 -0.93 -4.82
CA PHE A 132 1.80 -1.12 -6.23
C PHE A 132 3.17 -0.57 -6.62
N LEU A 133 3.94 -1.33 -7.40
CA LEU A 133 5.24 -0.88 -7.93
C LEU A 133 5.13 -0.85 -9.45
N SER A 134 5.17 0.34 -10.05
CA SER A 134 5.18 0.44 -11.50
C SER A 134 6.57 0.79 -12.05
N PHE A 135 6.93 0.15 -13.16
CA PHE A 135 8.06 0.59 -13.97
C PHE A 135 7.49 1.03 -15.31
N SER A 136 7.88 2.20 -15.79
CA SER A 136 7.63 2.47 -17.19
C SER A 136 8.83 3.07 -17.91
N ARG A 137 8.63 3.29 -19.20
CA ARG A 137 9.69 3.42 -20.18
C ARG A 137 9.30 4.47 -21.23
N CYS A 138 10.26 5.27 -21.69
CA CYS A 138 10.09 6.16 -22.86
C CYS A 138 9.86 5.49 -24.19
N SER A 139 10.70 4.52 -24.53
CA SER A 139 10.73 3.94 -25.85
C SER A 139 9.76 2.79 -26.05
N ALA A 140 9.15 2.75 -27.23
CA ALA A 140 8.40 1.57 -27.65
C ALA A 140 9.36 0.46 -28.13
N ARG A 141 10.67 0.67 -27.99
CA ARG A 141 11.69 -0.28 -28.45
C ARG A 141 11.61 -1.60 -27.71
N GLU A 142 11.47 -2.70 -28.46
CA GLU A 142 11.37 -4.05 -27.89
C GLU A 142 12.57 -4.40 -27.01
N ILE A 143 12.33 -4.70 -25.73
CA ILE A 143 13.40 -5.24 -24.88
C ILE A 143 13.07 -6.66 -24.38
N PRO A 144 13.56 -7.70 -25.10
CA PRO A 144 13.25 -9.10 -24.70
C PRO A 144 13.72 -9.39 -23.25
N ILE A 145 12.78 -9.60 -22.34
CA ILE A 145 13.10 -10.10 -21.00
C ILE A 145 12.21 -11.28 -20.73
N LEU A 146 12.74 -12.31 -20.08
CA LEU A 146 11.92 -13.47 -19.76
C LEU A 146 10.81 -13.04 -18.82
N SER A 147 9.57 -13.27 -19.23
CA SER A 147 8.41 -12.92 -18.44
C SER A 147 8.60 -13.32 -16.97
N ASP A 148 9.02 -14.56 -16.76
CA ASP A 148 9.12 -15.16 -15.45
C ASP A 148 10.14 -14.47 -14.54
N GLU A 149 11.23 -14.00 -15.14
CA GLU A 149 12.29 -13.31 -14.41
C GLU A 149 11.82 -11.95 -13.91
N LEU A 150 11.15 -11.20 -14.77
CA LEU A 150 10.71 -9.85 -14.43
C LEU A 150 9.77 -9.96 -13.25
N GLN A 151 8.79 -10.82 -13.43
CA GLN A 151 7.79 -11.12 -12.43
C GLN A 151 8.39 -11.38 -11.06
N LEU A 152 9.25 -12.40 -10.99
CA LEU A 152 9.84 -12.76 -9.72
C LEU A 152 10.69 -11.65 -9.14
N LYS A 153 11.41 -10.91 -9.99
CA LYS A 153 12.22 -9.83 -9.44
C LYS A 153 11.34 -8.73 -8.86
N MET A 154 10.24 -8.42 -9.53
CA MET A 154 9.36 -7.35 -9.10
C MET A 154 8.63 -7.72 -7.83
N GLN A 155 8.28 -9.00 -7.74
CA GLN A 155 7.72 -9.61 -6.55
C GLN A 155 8.56 -9.26 -5.33
N LEU A 156 9.84 -9.59 -5.39
CA LEU A 156 10.78 -9.27 -4.34
C LEU A 156 10.87 -7.78 -4.09
N LEU A 157 10.97 -7.03 -5.18
CA LEU A 157 11.20 -5.61 -5.12
C LEU A 157 10.08 -4.86 -4.42
N VAL A 158 8.83 -5.18 -4.80
CA VAL A 158 7.68 -4.44 -4.28
C VAL A 158 7.50 -4.74 -2.80
N ARG A 159 7.77 -6.00 -2.43
CA ARG A 159 7.62 -6.47 -1.08
C ARG A 159 8.71 -5.85 -0.20
N GLU A 160 9.95 -6.05 -0.60
CA GLU A 160 11.07 -5.55 0.20
C GLU A 160 11.10 -4.04 0.40
N SER A 161 10.87 -3.26 -0.66
CA SER A 161 10.84 -1.83 -0.50
C SER A 161 9.75 -1.42 0.48
N LEU A 162 8.58 -2.03 0.32
CA LEU A 162 7.45 -1.70 1.20
C LEU A 162 7.64 -2.17 2.66
N MET A 163 8.23 -3.34 2.86
CA MET A 163 8.54 -3.78 4.22
C MET A 163 9.59 -2.88 4.87
N ALA A 164 10.56 -2.40 4.08
CA ALA A 164 11.57 -1.48 4.58
C ALA A 164 10.86 -0.19 4.96
N LEU A 165 10.02 0.30 4.07
CA LEU A 165 9.33 1.53 4.38
C LEU A 165 8.48 1.43 5.65
N MET A 166 8.05 0.21 5.98
CA MET A 166 7.30 -0.06 7.21
C MET A 166 8.22 -0.09 8.40
N ARG A 167 9.25 -0.94 8.37
CA ARG A 167 10.31 -0.89 9.36
C ARG A 167 10.73 0.57 9.66
N LEU A 168 10.83 1.42 8.63
CA LEU A 168 11.24 2.80 8.80
C LEU A 168 10.12 3.72 9.23
N ASN A 169 8.92 3.17 9.39
CA ASN A 169 7.76 3.96 9.74
C ASN A 169 7.36 5.08 8.78
N ASP A 170 7.61 4.90 7.49
CA ASP A 170 7.40 5.98 6.57
C ASP A 170 5.92 6.32 6.41
N GLU A 171 5.61 7.61 6.28
CA GLU A 171 4.22 8.08 6.10
C GLU A 171 3.46 7.46 4.91
N ILE A 172 4.18 6.91 3.94
CA ILE A 172 3.56 6.36 2.74
C ILE A 172 2.86 5.02 3.00
N VAL A 173 3.34 4.28 4.00
CA VAL A 173 2.78 2.94 4.30
C VAL A 173 1.96 2.84 5.58
N MET A 174 2.22 3.71 6.54
CA MET A 174 1.67 3.60 7.89
C MET A 174 0.19 3.96 7.95
N THR A 175 -0.56 3.11 8.62
CA THR A 175 -1.98 3.37 8.85
C THR A 175 -2.05 4.17 10.12
N PRO A 176 -3.24 4.72 10.43
CA PRO A 176 -3.33 5.52 11.65
C PRO A 176 -2.89 4.68 12.85
N GLU A 177 -2.08 5.25 13.72
CA GLU A 177 -1.58 4.47 14.84
C GLU A 177 -2.58 4.33 15.97
N MET A 178 -2.58 3.15 16.55
CA MET A 178 -3.50 2.79 17.59
C MET A 178 -2.70 2.16 18.71
N ASN A 179 -2.02 3.01 19.45
CA ASN A 179 -1.19 2.56 20.53
C ASN A 179 -2.08 2.18 21.72
N PHE A 180 -2.68 0.98 21.66
CA PHE A 180 -3.69 0.56 22.66
C PHE A 180 -3.19 -0.57 23.58
N SER A 181 -3.64 -0.59 24.82
CA SER A 181 -3.22 -1.61 25.79
C SER A 181 -3.88 -2.98 25.55
N LYS A 182 -3.37 -4.01 26.23
CA LYS A 182 -3.99 -5.34 26.23
C LYS A 182 -5.46 -5.22 26.56
N ARG A 183 -5.77 -4.42 27.58
CA ARG A 183 -7.15 -4.30 28.02
C ARG A 183 -8.03 -3.56 27.00
N GLU A 184 -7.47 -2.57 26.33
CA GLU A 184 -8.22 -1.79 25.36
C GLU A 184 -8.62 -2.64 24.17
N LYS A 185 -7.70 -3.46 23.71
CA LYS A 185 -7.92 -4.28 22.52
C LYS A 185 -8.90 -5.39 22.87
N GLU A 186 -8.78 -5.89 24.09
CA GLU A 186 -9.71 -6.89 24.58
C GLU A 186 -11.15 -6.31 24.54
N ILE A 187 -11.31 -5.09 25.04
CA ILE A 187 -12.61 -4.46 25.01
C ILE A 187 -13.03 -4.27 23.57
N LEU A 188 -12.05 -3.97 22.72
CA LEU A 188 -12.36 -3.68 21.33
C LEU A 188 -12.89 -4.92 20.60
N ARG A 189 -12.29 -6.08 20.86
CA ARG A 189 -12.73 -7.34 20.26
C ARG A 189 -14.17 -7.71 20.62
N TRP A 190 -14.54 -7.52 21.89
CA TRP A 190 -15.89 -7.84 22.29
C TRP A 190 -16.87 -6.88 21.66
N THR A 191 -16.42 -5.64 21.47
CA THR A 191 -17.21 -4.66 20.74
C THR A 191 -17.42 -5.08 19.30
N ALA A 192 -16.36 -5.55 18.65
CA ALA A 192 -16.46 -5.92 17.25
C ALA A 192 -17.31 -7.19 17.13
N GLU A 193 -17.37 -7.94 18.21
CA GLU A 193 -18.16 -9.15 18.26
C GLU A 193 -19.62 -8.79 18.56
N GLY A 194 -19.92 -7.50 18.68
CA GLY A 194 -21.30 -7.04 18.89
C GLY A 194 -21.81 -6.98 20.32
N LYS A 195 -20.92 -7.18 21.30
CA LYS A 195 -21.26 -7.08 22.73
C LYS A 195 -21.47 -5.65 23.21
N THR A 196 -22.47 -5.44 24.07
CA THR A 196 -22.74 -4.15 24.75
C THR A 196 -21.78 -3.91 25.92
N SER A 197 -21.74 -2.68 26.42
CA SER A 197 -20.91 -2.34 27.59
C SER A 197 -21.24 -3.22 28.77
N ALA A 198 -22.54 -3.32 29.06
CA ALA A 198 -23.09 -4.18 30.12
C ALA A 198 -22.52 -5.56 29.99
N GLU A 199 -22.65 -6.13 28.79
CA GLU A 199 -22.17 -7.48 28.52
C GLU A 199 -20.66 -7.59 28.70
N ILE A 200 -19.92 -6.61 28.20
CA ILE A 200 -18.45 -6.61 28.37
C ILE A 200 -18.07 -6.57 29.86
N ALA A 201 -18.75 -5.71 30.61
CA ALA A 201 -18.58 -5.60 32.06
C ALA A 201 -18.73 -6.96 32.74
N MET A 202 -19.84 -7.65 32.42
CA MET A 202 -20.04 -9.04 32.83
C MET A 202 -18.87 -9.92 32.44
N ILE A 203 -18.53 -9.96 31.15
CA ILE A 203 -17.47 -10.86 30.68
C ILE A 203 -16.13 -10.59 31.35
N LEU A 204 -15.79 -9.33 31.63
CA LEU A 204 -14.45 -9.00 32.10
C LEU A 204 -14.34 -8.72 33.59
N SER A 205 -15.47 -8.76 34.31
CA SER A 205 -15.52 -8.54 35.76
C SER A 205 -14.96 -7.14 36.09
N ILE A 206 -15.49 -6.13 35.42
CA ILE A 206 -15.13 -4.73 35.66
C ILE A 206 -16.41 -3.96 35.47
N SER A 207 -16.49 -2.72 35.93
CA SER A 207 -17.77 -2.00 35.85
C SER A 207 -18.08 -1.46 34.45
N GLU A 208 -19.36 -1.29 34.15
CA GLU A 208 -19.78 -0.62 32.93
C GLU A 208 -19.07 0.73 32.74
N ASN A 209 -18.88 1.45 33.84
CA ASN A 209 -18.22 2.76 33.77
C ASN A 209 -16.80 2.67 33.21
N THR A 210 -16.03 1.73 33.77
CA THR A 210 -14.66 1.45 33.34
C THR A 210 -14.56 1.05 31.86
N VAL A 211 -15.47 0.20 31.41
CA VAL A 211 -15.58 -0.17 30.01
C VAL A 211 -15.78 1.10 29.19
N ASN A 212 -16.75 1.91 29.59
CA ASN A 212 -16.99 3.16 28.89
C ASN A 212 -15.81 4.12 28.89
N PHE A 213 -15.10 4.16 30.02
CA PHE A 213 -13.89 4.97 30.11
C PHE A 213 -12.84 4.55 29.06
N HIS A 214 -12.55 3.25 29.01
CA HIS A 214 -11.66 2.70 28.03
C HIS A 214 -12.11 3.09 26.61
N GLN A 215 -13.40 2.95 26.33
CA GLN A 215 -13.93 3.32 25.03
C GLN A 215 -13.64 4.75 24.68
N LYS A 216 -13.93 5.67 25.61
CA LYS A 216 -13.72 7.10 25.35
C LYS A 216 -12.24 7.40 25.23
N ASN A 217 -11.43 6.69 26.02
CA ASN A 217 -10.00 6.81 25.89
C ASN A 217 -9.45 6.48 24.49
N MET A 218 -9.86 5.33 23.94
CA MET A 218 -9.49 4.96 22.57
C MET A 218 -9.96 6.00 21.55
N GLN A 219 -11.13 6.59 21.79
CA GLN A 219 -11.66 7.61 20.90
C GLN A 219 -10.85 8.90 20.95
N LYS A 220 -10.41 9.28 22.15
CA LYS A 220 -9.59 10.47 22.29
C LYS A 220 -8.30 10.29 21.49
N LYS A 221 -7.63 9.14 21.66
CA LYS A 221 -6.36 8.86 21.01
C LYS A 221 -6.37 8.97 19.47
N ILE A 222 -7.49 8.63 18.89
CA ILE A 222 -7.57 8.36 17.47
C ILE A 222 -8.50 9.42 16.90
N ASN A 223 -9.03 10.24 17.82
CA ASN A 223 -9.98 11.29 17.51
C ASN A 223 -11.21 10.78 16.73
N ALA A 224 -11.91 9.81 17.32
CA ALA A 224 -13.04 9.18 16.67
C ALA A 224 -14.35 9.52 17.38
N PRO A 225 -15.46 9.60 16.62
CA PRO A 225 -16.74 10.01 17.20
C PRO A 225 -17.32 8.98 18.17
N ASN A 226 -17.16 7.69 17.85
CA ASN A 226 -17.76 6.58 18.61
C ASN A 226 -16.94 5.28 18.62
N LYS A 227 -17.37 4.31 19.43
CA LYS A 227 -16.65 3.02 19.51
C LYS A 227 -16.58 2.29 18.16
N THR A 228 -17.61 2.48 17.36
CA THR A 228 -17.73 1.70 16.15
C THR A 228 -16.70 2.12 15.10
N GLN A 229 -16.35 3.40 15.03
CA GLN A 229 -15.24 3.80 14.17
C GLN A 229 -13.93 3.22 14.70
N VAL A 230 -13.72 3.26 16.02
CA VAL A 230 -12.52 2.67 16.59
C VAL A 230 -12.39 1.17 16.22
N ALA A 231 -13.43 0.39 16.53
CA ALA A 231 -13.39 -1.04 16.28
C ALA A 231 -13.19 -1.33 14.80
N CYS A 232 -13.89 -0.60 13.92
CA CYS A 232 -13.69 -0.81 12.51
C CYS A 232 -12.27 -0.57 12.07
N TYR A 233 -11.67 0.49 12.58
CA TYR A 233 -10.31 0.82 12.23
C TYR A 233 -9.33 -0.23 12.68
N ALA A 234 -9.50 -0.70 13.90
CA ALA A 234 -8.65 -1.75 14.39
C ALA A 234 -8.86 -3.05 13.59
N ALA A 235 -10.10 -3.31 13.14
CA ALA A 235 -10.41 -4.58 12.49
C ALA A 235 -9.80 -4.57 11.12
N ALA A 236 -9.90 -3.43 10.44
CA ALA A 236 -9.43 -3.32 9.06
C ALA A 236 -7.91 -3.36 8.96
N THR A 237 -7.21 -2.84 9.98
CA THR A 237 -5.77 -2.72 9.84
C THR A 237 -5.00 -3.81 10.55
N GLY A 238 -5.70 -4.82 11.07
CA GLY A 238 -5.09 -5.88 11.82
C GLY A 238 -4.81 -5.57 13.28
N LEU A 239 -4.95 -4.31 13.70
CA LEU A 239 -4.59 -3.98 15.07
C LEU A 239 -5.48 -4.59 16.16
N ILE A 240 -6.61 -5.18 15.79
CA ILE A 240 -7.58 -5.65 16.80
C ILE A 240 -7.29 -7.03 17.40
N LEU A 241 -6.59 -7.89 16.65
CA LEU A 241 -6.39 -9.27 17.08
C LEU A 241 -5.30 -9.45 18.13
N GLU A 242 -5.23 -10.66 18.65
CA GLU A 242 -4.56 -11.03 19.93
C GLU A 242 -3.12 -10.54 20.29
C1 GOL B . 0.95 5.79 -15.08
O1 GOL B . 0.99 7.03 -14.40
C2 GOL B . -0.36 5.14 -14.69
O2 GOL B . -0.22 4.77 -13.35
C3 GOL B . -0.62 3.90 -15.54
O3 GOL B . -2.01 3.89 -15.86
#